data_1PQ7
#
_entry.id   1PQ7
#
_cell.length_a   32.869
_cell.length_b   37.022
_cell.length_c   39.780
_cell.angle_alpha   102.89
_cell.angle_beta   104.59
_cell.angle_gamma   102.37
#
_symmetry.space_group_name_H-M   'P 1'
#
loop_
_entity.id
_entity.type
_entity.pdbx_description
1 polymer Trypsin
2 non-polymer 'SULFATE ION'
3 non-polymer ARGININE
4 water water
#
_entity_poly.entity_id   1
_entity_poly.type   'polypeptide(L)'
_entity_poly.pdbx_seq_one_letter_code
;IVGGTSASAGDFPFIVSISRNGGPWCGGSLLNANTVLTAAHCVSGYAQSGFQIRAGSLSRTSGGITSSLSSVRVHPSYSG
NNNDLAILKLSTSIPSGGNIGYARLAASGSDPVAGSSATVAGWGATSEGGSSTPVNLLKVTVPIVSRATCRAQYGTSAIT
NQMFCAGVSSGGKDSCQGDSGGPIVDSSNTLIGAVSWGNGCARPNYSGVYASVGALRSFIDTYA
;
_entity_poly.pdbx_strand_id   A
#
loop_
_chem_comp.id
_chem_comp.type
_chem_comp.name
_chem_comp.formula
SO4 non-polymer 'SULFATE ION' 'O4 S -2'
#
# COMPACT_ATOMS: atom_id res chain seq x y z
N ILE A 1 3.10 -7.88 6.83
CA ILE A 1 4.45 -8.04 6.20
C ILE A 1 5.08 -9.31 6.70
N VAL A 2 5.54 -10.14 5.76
CA VAL A 2 6.28 -11.37 6.05
C VAL A 2 7.75 -11.10 5.86
N GLY A 3 8.57 -11.53 6.83
CA GLY A 3 9.98 -11.38 6.77
C GLY A 3 10.49 -9.96 7.05
N GLY A 4 9.70 -9.16 7.74
CA GLY A 4 10.00 -7.77 7.94
C GLY A 4 10.70 -7.44 9.25
N THR A 5 11.00 -6.15 9.38
CA THR A 5 11.56 -5.59 10.58
C THR A 5 10.79 -4.36 10.95
N SER A 6 10.94 -3.89 12.19
CA SER A 6 10.20 -2.74 12.63
C SER A 6 10.66 -1.48 11.89
N ALA A 7 9.70 -0.73 11.37
CA ALA A 7 9.98 0.57 10.82
C ALA A 7 10.37 1.53 11.94
N SER A 8 11.28 2.44 11.65
CA SER A 8 11.66 3.51 12.56
C SER A 8 10.74 4.69 12.41
N ALA A 9 10.66 5.52 13.45
CA ALA A 9 9.93 6.76 13.37
C ALA A 9 10.45 7.60 12.21
N GLY A 10 9.51 8.11 11.40
CA GLY A 10 9.87 8.94 10.29
C GLY A 10 10.33 8.18 9.04
N ASP A 11 10.32 6.84 9.05
CA ASP A 11 10.67 6.11 7.84
C ASP A 11 9.73 6.38 6.70
N PHE A 12 8.44 6.55 7.01
CA PHE A 12 7.40 6.78 6.02
C PHE A 12 6.50 7.86 6.59
N PRO A 13 6.89 9.13 6.45
CA PRO A 13 6.12 10.19 7.12
C PRO A 13 4.67 10.24 6.70
N PHE A 14 4.40 9.75 5.49
CA PHE A 14 3.08 9.79 4.88
C PHE A 14 2.28 8.55 5.13
N ILE A 15 2.79 7.49 5.80
CA ILE A 15 2.00 6.29 5.87
C ILE A 15 0.82 6.51 6.84
N VAL A 16 -0.32 5.97 6.45
CA VAL A 16 -1.47 5.93 7.33
C VAL A 16 -1.93 4.50 7.50
N SER A 17 -2.45 4.22 8.71
CA SER A 17 -3.24 3.03 8.89
C SER A 17 -4.70 3.35 8.58
N ILE A 18 -5.38 2.36 8.01
CA ILE A 18 -6.81 2.44 7.72
C ILE A 18 -7.47 1.33 8.51
N SER A 19 -8.09 1.72 9.64
CA SER A 19 -8.90 0.82 10.41
C SER A 19 -10.29 0.73 9.80
N ARG A 20 -10.95 -0.41 10.02
CA ARG A 20 -12.34 -0.57 9.56
C ARG A 20 -13.08 -1.24 10.70
N ASN A 21 -14.23 -0.68 11.09
CA ASN A 21 -15.02 -1.26 12.17
C ASN A 21 -14.17 -1.35 13.43
N GLY A 22 -13.22 -0.43 13.62
CA GLY A 22 -12.30 -0.46 14.80
C GLY A 22 -11.16 -1.38 14.75
N GLY A 23 -11.04 -2.24 13.74
CA GLY A 23 -10.02 -3.24 13.65
C GLY A 23 -9.08 -2.97 12.49
N PRO A 24 -7.98 -3.81 12.42
CA PRO A 24 -7.04 -3.67 11.32
C PRO A 24 -7.73 -3.93 10.00
N TRP A 25 -7.26 -3.25 8.95
CA TRP A 25 -7.87 -3.46 7.65
C TRP A 25 -6.86 -3.23 6.51
N CYS A 26 -6.43 -1.99 6.32
N CYS A 26 -6.27 -2.06 6.45
CA CYS A 26 -5.56 -1.61 5.21
CA CYS A 26 -5.37 -1.80 5.32
C CYS A 26 -4.50 -0.61 5.67
C CYS A 26 -4.53 -0.56 5.67
N GLY A 27 -3.64 -0.22 4.73
CA GLY A 27 -2.79 0.93 4.83
C GLY A 27 -3.12 1.93 3.73
N GLY A 28 -2.41 3.07 3.77
CA GLY A 28 -2.55 4.08 2.74
C GLY A 28 -1.40 5.07 2.85
N SER A 29 -1.46 6.08 1.96
CA SER A 29 -0.42 7.09 1.88
C SER A 29 -1.07 8.48 1.85
N LEU A 30 -0.61 9.35 2.75
CA LEU A 30 -1.13 10.73 2.84
C LEU A 30 -0.49 11.57 1.72
N LEU A 31 -1.34 12.03 0.80
CA LEU A 31 -0.86 12.79 -0.35
C LEU A 31 -0.78 14.28 -0.07
N ASN A 32 -1.66 14.78 0.78
CA ASN A 32 -1.77 16.19 1.14
C ASN A 32 -2.66 16.20 2.38
N ALA A 33 -2.95 17.41 2.90
CA ALA A 33 -3.61 17.48 4.18
C ALA A 33 -4.98 16.79 4.21
N ASN A 34 -5.81 16.58 3.12
N ASN A 34 -5.53 16.78 2.96
CA ASN A 34 -7.12 15.93 3.23
CA ASN A 34 -6.90 16.35 2.85
C ASN A 34 -7.27 14.74 2.30
C ASN A 34 -7.09 15.03 2.13
N THR A 35 -6.08 14.21 1.84
CA THR A 35 -6.21 13.15 0.85
C THR A 35 -5.30 11.97 1.17
N VAL A 36 -5.88 10.78 1.07
CA VAL A 36 -5.16 9.52 1.20
C VAL A 36 -5.33 8.71 -0.08
N LEU A 37 -4.21 8.10 -0.51
CA LEU A 37 -4.21 7.11 -1.58
C LEU A 37 -4.17 5.73 -0.97
N THR A 38 -5.09 4.84 -1.41
CA THR A 38 -5.08 3.46 -0.97
C THR A 38 -5.46 2.57 -2.15
N ALA A 39 -5.60 1.25 -1.88
CA ALA A 39 -6.06 0.34 -2.90
C ALA A 39 -7.57 0.46 -2.99
N ALA A 40 -8.10 0.42 -4.22
CA ALA A 40 -9.55 0.43 -4.40
C ALA A 40 -10.23 -0.70 -3.66
N HIS A 41 -9.63 -1.90 -3.62
CA HIS A 41 -10.34 -3.01 -3.02
C HIS A 41 -10.50 -2.81 -1.51
N CYS A 42 -9.68 -1.97 -0.89
CA CYS A 42 -9.83 -1.67 0.52
C CYS A 42 -11.14 -0.95 0.85
N VAL A 43 -11.67 -0.21 -0.11
CA VAL A 43 -12.76 0.73 0.16
C VAL A 43 -13.98 0.57 -0.73
N SER A 44 -13.84 0.00 -1.94
CA SER A 44 -14.91 0.07 -2.93
C SER A 44 -16.18 -0.57 -2.42
N GLY A 45 -17.26 0.20 -2.42
CA GLY A 45 -18.59 -0.30 -2.05
C GLY A 45 -18.83 -0.53 -0.58
N TYR A 46 -17.84 -0.38 0.29
CA TYR A 46 -18.03 -0.58 1.71
C TYR A 46 -18.62 0.70 2.32
N ALA A 47 -19.22 0.56 3.52
CA ALA A 47 -19.72 1.74 4.21
C ALA A 47 -18.55 2.64 4.59
N GLN A 48 -18.66 3.89 4.15
N GLN A 48 -18.37 3.81 3.96
CA GLN A 48 -17.50 4.81 4.33
CA GLN A 48 -17.20 4.68 4.26
C GLN A 48 -17.20 5.19 5.71
C GLN A 48 -17.17 5.08 5.71
N SER A 49 -18.29 5.21 6.48
CA SER A 49 -18.18 5.59 7.88
C SER A 49 -17.42 4.54 8.72
N GLY A 50 -17.22 3.37 8.18
CA GLY A 50 -16.51 2.34 8.95
C GLY A 50 -15.01 2.57 9.03
N PHE A 51 -14.48 3.49 8.25
CA PHE A 51 -13.04 3.66 8.14
C PHE A 51 -12.55 4.80 9.04
N GLN A 52 -11.36 4.57 9.62
CA GLN A 52 -10.65 5.61 10.34
C GLN A 52 -9.20 5.60 9.94
N ILE A 53 -8.70 6.73 9.50
CA ILE A 53 -7.33 6.94 9.12
C ILE A 53 -6.54 7.43 10.32
N ARG A 54 -5.30 6.96 10.46
CA ARG A 54 -4.38 7.54 11.45
C ARG A 54 -3.04 7.76 10.75
N ALA A 55 -2.51 8.99 10.94
CA ALA A 55 -1.23 9.40 10.44
C ALA A 55 -0.29 9.72 11.59
N GLY A 56 1.04 9.62 11.33
CA GLY A 56 1.99 10.08 12.31
C GLY A 56 2.29 9.15 13.43
N SER A 57 1.97 7.88 13.28
CA SER A 57 2.22 6.89 14.30
C SER A 57 2.74 5.59 13.70
N LEU A 58 3.54 4.87 14.50
CA LEU A 58 3.90 3.52 14.17
C LEU A 58 2.82 2.50 14.58
N SER A 59 1.87 2.90 15.41
CA SER A 59 0.76 2.05 15.80
C SER A 59 -0.50 2.45 15.03
N ARG A 60 -1.42 1.46 14.88
CA ARG A 60 -2.72 1.74 14.30
C ARG A 60 -3.70 2.36 15.28
N THR A 61 -3.46 2.16 16.60
CA THR A 61 -4.49 2.40 17.59
C THR A 61 -4.22 3.53 18.55
N SER A 62 -3.10 4.21 18.45
CA SER A 62 -2.81 5.38 19.25
C SER A 62 -1.73 6.18 18.56
N GLY A 63 -1.57 7.42 19.02
CA GLY A 63 -0.54 8.31 18.49
C GLY A 63 -1.02 9.06 17.26
N GLY A 64 -0.34 10.13 16.96
CA GLY A 64 -0.58 10.81 15.71
C GLY A 64 -1.99 11.42 15.65
N ILE A 65 -2.49 11.55 14.46
CA ILE A 65 -3.71 12.34 14.16
C ILE A 65 -4.65 11.45 13.36
N THR A 66 -5.92 11.44 13.74
CA THR A 66 -6.91 10.63 13.05
C THR A 66 -7.84 11.47 12.19
N SER A 67 -8.52 10.78 11.26
CA SER A 67 -9.58 11.36 10.51
C SER A 67 -10.56 10.27 10.04
N SER A 68 -11.84 10.66 9.97
CA SER A 68 -12.84 9.92 9.24
C SER A 68 -12.80 10.31 7.77
N LEU A 69 -13.62 9.65 6.95
CA LEU A 69 -13.66 9.95 5.53
C LEU A 69 -14.84 10.86 5.17
N SER A 70 -14.60 11.78 4.24
CA SER A 70 -15.60 12.55 3.60
C SER A 70 -16.09 11.94 2.29
N SER A 71 -15.21 11.29 1.53
CA SER A 71 -15.56 10.68 0.26
C SER A 71 -14.54 9.65 -0.14
N VAL A 72 -14.95 8.79 -1.06
CA VAL A 72 -14.16 7.71 -1.64
C VAL A 72 -14.35 7.77 -3.15
N ARG A 73 -13.26 7.70 -3.91
CA ARG A 73 -13.33 7.66 -5.36
C ARG A 73 -12.36 6.59 -5.85
N VAL A 74 -12.88 5.55 -6.50
CA VAL A 74 -12.02 4.52 -7.09
C VAL A 74 -11.60 4.93 -8.49
N HIS A 75 -10.53 4.34 -8.97
CA HIS A 75 -10.08 4.61 -10.32
C HIS A 75 -11.23 4.36 -11.30
N PRO A 76 -11.43 5.20 -12.31
CA PRO A 76 -12.56 5.01 -13.22
C PRO A 76 -12.48 3.74 -14.07
N SER A 77 -11.30 3.10 -14.14
CA SER A 77 -11.15 1.86 -14.86
C SER A 77 -10.88 0.68 -13.92
N TYR A 78 -11.16 0.81 -12.61
CA TYR A 78 -11.02 -0.30 -11.68
C TYR A 78 -11.88 -1.48 -12.13
N SER A 79 -11.31 -2.66 -12.20
CA SER A 79 -12.05 -3.86 -12.61
C SER A 79 -11.24 -5.05 -12.15
N GLY A 80 -11.84 -5.95 -11.37
CA GLY A 80 -11.06 -7.06 -10.81
C GLY A 80 -9.89 -6.48 -10.00
N ASN A 81 -8.68 -6.99 -10.24
CA ASN A 81 -7.50 -6.45 -9.61
C ASN A 81 -6.90 -5.29 -10.34
N ASN A 82 -7.42 -4.96 -11.53
CA ASN A 82 -6.79 -3.96 -12.37
C ASN A 82 -7.15 -2.55 -11.94
N ASN A 83 -6.14 -1.68 -11.91
CA ASN A 83 -6.31 -0.27 -11.59
C ASN A 83 -6.80 -0.08 -10.15
N ASP A 84 -6.11 -0.78 -9.26
CA ASP A 84 -6.54 -0.94 -7.87
C ASP A 84 -6.06 0.21 -6.99
N LEU A 85 -6.57 1.42 -7.30
CA LEU A 85 -6.29 2.61 -6.51
C LEU A 85 -7.59 3.35 -6.23
N ALA A 86 -7.60 4.02 -5.08
CA ALA A 86 -8.66 4.93 -4.71
C ALA A 86 -8.10 6.13 -4.00
N ILE A 87 -8.80 7.27 -4.19
CA ILE A 87 -8.55 8.52 -3.51
C ILE A 87 -9.60 8.70 -2.43
N LEU A 88 -9.14 8.91 -1.21
CA LEU A 88 -10.00 9.18 -0.06
C LEU A 88 -9.83 10.62 0.31
N LYS A 89 -10.95 11.32 0.56
CA LYS A 89 -10.89 12.67 1.12
C LYS A 89 -11.22 12.55 2.60
N LEU A 90 -10.46 13.32 3.40
CA LEU A 90 -10.53 13.26 4.84
C LEU A 90 -11.45 14.35 5.39
N SER A 91 -12.23 13.97 6.41
CA SER A 91 -13.07 14.91 7.13
C SER A 91 -12.26 15.90 8.00
N THR A 92 -11.09 15.48 8.44
CA THR A 92 -10.19 16.31 9.23
C THR A 92 -8.87 16.45 8.47
N SER A 93 -8.46 17.70 8.24
CA SER A 93 -7.18 17.96 7.57
C SER A 93 -6.02 17.65 8.53
N ILE A 94 -4.97 17.05 7.98
CA ILE A 94 -3.83 16.58 8.76
C ILE A 94 -2.60 17.39 8.33
N PRO A 95 -2.01 18.19 9.22
CA PRO A 95 -0.88 19.01 8.82
C PRO A 95 0.43 18.25 8.80
N SER A 96 1.24 18.64 7.86
N SER A 96 1.35 18.66 7.93
CA SER A 96 2.60 18.02 7.95
CA SER A 96 2.73 18.20 7.79
C SER A 96 3.38 18.70 9.09
C SER A 96 3.56 18.80 8.93
N GLY A 97 4.45 17.98 9.47
CA GLY A 97 5.33 18.40 10.55
C GLY A 97 5.61 17.25 11.46
N GLY A 98 6.78 17.27 12.09
CA GLY A 98 7.11 16.17 12.98
C GLY A 98 7.25 14.88 12.16
N ASN A 99 6.66 13.80 12.60
CA ASN A 99 6.69 12.53 11.88
C ASN A 99 5.62 12.38 10.82
N ILE A 100 4.83 13.48 10.56
CA ILE A 100 3.86 13.46 9.47
C ILE A 100 4.45 14.24 8.32
N GLY A 101 4.32 13.69 7.10
CA GLY A 101 4.65 14.41 5.90
C GLY A 101 3.82 13.80 4.77
N TYR A 102 3.92 14.46 3.60
CA TYR A 102 3.15 14.01 2.46
C TYR A 102 4.04 13.27 1.47
N ALA A 103 3.46 12.30 0.76
CA ALA A 103 4.24 11.48 -0.14
C ALA A 103 4.70 12.25 -1.36
N ARG A 104 5.89 11.91 -1.85
CA ARG A 104 6.29 12.26 -3.20
C ARG A 104 6.10 11.03 -4.08
N LEU A 105 5.63 11.25 -5.29
CA LEU A 105 5.13 10.18 -6.14
C LEU A 105 6.10 9.87 -7.29
N ALA A 106 6.08 8.60 -7.71
CA ALA A 106 6.82 8.18 -8.89
C ALA A 106 6.36 8.99 -10.09
N ALA A 107 7.32 9.31 -10.96
CA ALA A 107 7.04 10.13 -12.13
C ALA A 107 6.00 9.47 -12.98
N SER A 108 5.14 10.31 -13.63
CA SER A 108 4.23 9.81 -14.61
C SER A 108 4.97 9.08 -15.72
N GLY A 109 4.48 7.86 -16.03
CA GLY A 109 5.03 7.05 -17.05
C GLY A 109 6.27 6.22 -16.66
N SER A 110 6.72 6.34 -15.41
CA SER A 110 7.78 5.53 -14.91
C SER A 110 7.26 4.09 -14.63
N ASP A 111 8.22 3.18 -14.61
CA ASP A 111 7.92 1.77 -14.37
C ASP A 111 9.09 1.19 -13.61
N PRO A 112 8.89 0.63 -12.42
CA PRO A 112 10.07 0.17 -11.65
C PRO A 112 10.89 -0.87 -12.42
N VAL A 113 12.21 -0.72 -12.42
CA VAL A 113 13.08 -1.57 -13.20
C VAL A 113 13.36 -2.86 -12.42
N ALA A 114 13.24 -4.00 -13.10
CA ALA A 114 13.55 -5.29 -12.47
C ALA A 114 14.92 -5.24 -11.82
N GLY A 115 14.97 -5.78 -10.60
CA GLY A 115 16.22 -5.85 -9.85
C GLY A 115 16.47 -4.66 -8.94
N SER A 116 15.80 -3.54 -9.15
CA SER A 116 15.92 -2.43 -8.25
C SER A 116 15.24 -2.80 -6.91
N SER A 117 15.69 -2.20 -5.76
N SER A 117 15.66 -1.93 -5.96
CA SER A 117 15.27 -2.58 -4.43
CA SER A 117 15.11 -2.20 -4.66
C SER A 117 14.14 -1.66 -3.92
C SER A 117 13.79 -1.48 -4.45
N ALA A 118 12.99 -2.24 -3.61
CA ALA A 118 11.78 -1.56 -3.16
C ALA A 118 11.53 -1.94 -1.72
N THR A 119 10.85 -1.06 -0.98
CA THR A 119 10.50 -1.32 0.42
C THR A 119 9.02 -1.14 0.61
N VAL A 120 8.38 -2.13 1.24
CA VAL A 120 6.94 -2.11 1.47
C VAL A 120 6.69 -2.18 2.98
N ALA A 121 5.61 -1.56 3.43
CA ALA A 121 5.35 -1.45 4.86
C ALA A 121 3.89 -1.63 5.18
N GLY A 122 3.59 -2.17 6.36
CA GLY A 122 2.22 -2.23 6.81
C GLY A 122 2.06 -2.95 8.13
N TRP A 123 0.79 -3.03 8.53
CA TRP A 123 0.30 -3.63 9.78
C TRP A 123 -0.35 -4.98 9.55
N GLY A 124 -0.15 -5.59 8.39
CA GLY A 124 -0.75 -6.85 8.08
C GLY A 124 -0.08 -8.04 8.76
N ALA A 125 -0.63 -9.21 8.46
CA ALA A 125 -0.18 -10.45 9.02
C ALA A 125 1.30 -10.72 8.68
N THR A 126 1.87 -11.57 9.52
N THR A 126 2.03 -11.35 9.62
CA THR A 126 3.26 -11.92 9.34
CA THR A 126 3.47 -11.73 9.65
C THR A 126 3.44 -13.33 8.75
C THR A 126 3.68 -13.15 9.09
N SER A 127 2.34 -13.97 8.43
N SER A 127 2.59 -13.86 8.84
CA SER A 127 2.31 -15.25 7.72
CA SER A 127 2.56 -15.13 8.16
C SER A 127 1.01 -15.29 6.93
C SER A 127 1.31 -15.19 7.30
N GLU A 128 0.95 -16.09 5.85
N GLU A 128 1.28 -15.73 6.10
CA GLU A 128 -0.26 -16.20 5.11
CA GLU A 128 0.05 -16.04 5.37
C GLU A 128 -1.39 -16.75 5.99
C GLU A 128 -1.18 -16.48 6.21
N GLY A 129 -2.47 -16.08 6.05
CA GLY A 129 -3.59 -16.54 6.89
C GLY A 129 -3.37 -16.31 8.38
N GLY A 130 -2.34 -15.60 8.81
CA GLY A 130 -2.10 -15.42 10.23
C GLY A 130 -3.33 -14.56 10.75
N SER A 131 -3.67 -14.77 11.94
CA SER A 131 -4.80 -14.07 12.63
C SER A 131 -4.32 -12.93 13.46
N SER A 132 -3.22 -12.98 14.00
CA SER A 132 -2.61 -11.95 14.82
C SER A 132 -1.87 -10.97 13.87
N THR A 133 -1.81 -9.74 14.30
CA THR A 133 -1.03 -8.75 13.49
C THR A 133 -0.23 -7.89 14.44
N PRO A 134 0.85 -7.26 13.96
CA PRO A 134 1.75 -6.54 14.84
C PRO A 134 1.15 -5.20 15.28
N VAL A 135 1.51 -4.78 16.46
CA VAL A 135 1.11 -3.45 16.90
C VAL A 135 1.81 -2.37 16.09
N ASN A 136 3.10 -2.48 15.96
CA ASN A 136 3.86 -1.45 15.28
C ASN A 136 4.22 -1.90 13.84
N LEU A 137 4.35 -0.85 13.01
CA LEU A 137 4.55 -0.97 11.59
C LEU A 137 5.81 -1.81 11.28
N LEU A 138 5.66 -2.73 10.33
CA LEU A 138 6.77 -3.50 9.80
C LEU A 138 7.06 -3.07 8.38
N LYS A 139 8.29 -3.35 7.93
CA LYS A 139 8.72 -3.08 6.57
C LYS A 139 9.60 -4.22 6.09
N VAL A 140 9.68 -4.38 4.78
CA VAL A 140 10.57 -5.35 4.18
C VAL A 140 11.02 -4.83 2.84
N THR A 141 12.24 -5.20 2.45
CA THR A 141 12.82 -4.81 1.18
C THR A 141 12.89 -6.02 0.24
N VAL A 142 12.38 -5.82 -0.97
CA VAL A 142 12.36 -6.86 -2.00
C VAL A 142 12.70 -6.24 -3.34
N PRO A 143 13.28 -7.02 -4.23
CA PRO A 143 13.58 -6.52 -5.56
C PRO A 143 12.33 -6.53 -6.43
N ILE A 144 12.31 -5.56 -7.38
CA ILE A 144 11.31 -5.59 -8.44
C ILE A 144 11.53 -6.84 -9.30
N VAL A 145 10.45 -7.47 -9.69
CA VAL A 145 10.41 -8.60 -10.59
C VAL A 145 9.84 -8.12 -11.91
N SER A 146 10.48 -8.44 -13.03
CA SER A 146 10.03 -7.94 -14.29
C SER A 146 8.54 -8.30 -14.56
N ARG A 147 7.87 -7.46 -15.30
CA ARG A 147 6.49 -7.77 -15.67
C ARG A 147 6.45 -9.08 -16.46
N ALA A 148 7.46 -9.32 -17.30
CA ALA A 148 7.46 -10.61 -18.04
C ALA A 148 7.51 -11.79 -17.11
N THR A 149 8.41 -11.80 -16.11
CA THR A 149 8.46 -12.89 -15.15
C THR A 149 7.17 -12.97 -14.35
N CYS A 150 6.60 -11.83 -13.98
CA CYS A 150 5.35 -11.84 -13.24
C CYS A 150 4.24 -12.45 -14.07
N ARG A 151 4.21 -12.18 -15.37
CA ARG A 151 3.22 -12.79 -16.28
C ARG A 151 3.49 -14.28 -16.43
N ALA A 152 4.73 -14.73 -16.36
CA ALA A 152 4.99 -16.19 -16.31
C ALA A 152 4.37 -16.80 -15.07
N GLN A 153 4.42 -16.12 -13.94
CA GLN A 153 3.90 -16.62 -12.69
C GLN A 153 2.36 -16.64 -12.65
N TYR A 154 1.72 -15.56 -13.13
CA TYR A 154 0.30 -15.34 -12.97
C TYR A 154 -0.54 -15.44 -14.22
N GLY A 155 0.07 -15.42 -15.39
CA GLY A 155 -0.61 -15.38 -16.65
C GLY A 155 -0.48 -13.98 -17.29
N THR A 156 -0.58 -13.94 -18.64
CA THR A 156 -0.38 -12.73 -19.37
C THR A 156 -1.42 -11.65 -19.06
N SER A 157 -2.69 -12.02 -19.12
CA SER A 157 -3.77 -11.06 -18.88
C SER A 157 -3.83 -10.55 -17.44
N ALA A 158 -3.36 -11.39 -16.54
CA ALA A 158 -3.50 -11.11 -15.12
C ALA A 158 -2.63 -9.95 -14.67
N ILE A 159 -1.51 -9.70 -15.33
CA ILE A 159 -0.61 -8.63 -14.94
C ILE A 159 -0.65 -7.59 -16.04
N THR A 160 -1.16 -6.40 -15.72
CA THR A 160 -1.37 -5.34 -16.70
C THR A 160 -0.25 -4.30 -16.61
N ASN A 161 -0.33 -3.31 -17.52
CA ASN A 161 0.58 -2.19 -17.51
C ASN A 161 0.35 -1.25 -16.33
N GLN A 162 -0.70 -1.46 -15.52
CA GLN A 162 -0.94 -0.67 -14.35
C GLN A 162 -0.57 -1.43 -13.05
N MET A 163 0.16 -2.52 -13.19
CA MET A 163 0.65 -3.32 -12.09
C MET A 163 2.17 -3.47 -12.26
N PHE A 164 2.87 -3.62 -11.13
CA PHE A 164 4.24 -4.11 -11.17
C PHE A 164 4.41 -5.10 -10.04
N CYS A 165 5.49 -5.87 -10.09
CA CYS A 165 5.68 -6.97 -9.18
C CYS A 165 6.98 -6.84 -8.40
N ALA A 166 7.03 -7.49 -7.22
CA ALA A 166 8.24 -7.46 -6.41
C ALA A 166 8.23 -8.67 -5.50
N GLY A 167 9.40 -9.24 -5.24
CA GLY A 167 9.52 -10.41 -4.39
C GLY A 167 10.82 -11.12 -4.73
N VAL A 168 11.06 -12.24 -4.01
CA VAL A 168 12.24 -13.06 -4.24
C VAL A 168 11.77 -14.45 -4.64
N SER A 169 12.56 -15.16 -5.47
CA SER A 169 12.11 -16.49 -5.93
C SER A 169 11.86 -17.46 -4.82
N SER A 170 12.70 -17.39 -3.80
CA SER A 170 12.57 -18.32 -2.67
C SER A 170 11.37 -18.01 -1.78
N GLY A 171 10.68 -16.88 -2.00
CA GLY A 171 9.67 -16.45 -1.10
C GLY A 171 10.26 -15.99 0.25
N GLY A 172 9.37 -15.77 1.18
CA GLY A 172 9.74 -15.44 2.56
C GLY A 172 9.75 -13.95 2.90
N LYS A 173 9.57 -13.08 1.89
CA LYS A 173 9.56 -11.62 2.08
C LYS A 173 8.43 -11.09 1.21
N ASP A 174 7.41 -10.47 1.82
CA ASP A 174 6.29 -10.01 1.02
C ASP A 174 5.36 -9.17 1.89
N SER A 175 4.43 -8.52 1.23
CA SER A 175 3.25 -7.97 1.83
C SER A 175 2.18 -9.06 1.93
N CYS A 176 1.25 -8.87 2.86
N CYS A 176 1.16 -8.86 2.77
CA CYS A 176 0.23 -9.92 3.10
CA CYS A 176 0.02 -9.74 2.93
C CYS A 176 -1.07 -9.26 3.40
C CYS A 176 -1.30 -8.99 3.20
N GLN A 177 -2.12 -10.00 3.78
CA GLN A 177 -3.39 -9.50 4.14
C GLN A 177 -3.27 -8.51 5.34
N GLY A 178 -3.90 -7.45 5.14
CA GLY A 178 -3.88 -6.31 6.01
C GLY A 178 -2.89 -5.24 5.59
N ASP A 179 -1.96 -5.57 4.68
CA ASP A 179 -1.05 -4.60 4.13
C ASP A 179 -1.62 -3.87 2.91
N SER A 180 -2.73 -4.37 2.35
CA SER A 180 -3.26 -3.78 1.13
C SER A 180 -3.44 -2.28 1.30
N GLY A 181 -3.17 -1.59 0.18
CA GLY A 181 -3.31 -0.16 0.12
C GLY A 181 -2.13 0.64 0.62
N GLY A 182 -1.29 0.03 1.45
CA GLY A 182 -0.15 0.71 1.98
C GLY A 182 0.96 0.85 0.95
N PRO A 183 2.00 1.58 1.35
CA PRO A 183 2.99 2.01 0.38
C PRO A 183 4.07 0.97 0.09
N ILE A 184 4.48 0.99 -1.18
CA ILE A 184 5.77 0.45 -1.61
C ILE A 184 6.54 1.62 -2.22
N VAL A 185 7.78 1.78 -1.77
CA VAL A 185 8.63 2.89 -2.19
C VAL A 185 9.88 2.35 -2.89
N ASP A 186 10.48 3.24 -3.72
CA ASP A 186 11.79 2.92 -4.25
C ASP A 186 12.86 3.23 -3.20
N SER A 187 14.13 3.05 -3.60
CA SER A 187 15.23 3.23 -2.67
C SER A 187 15.40 4.66 -2.18
N SER A 188 14.77 5.61 -2.87
CA SER A 188 14.77 7.02 -2.49
C SER A 188 13.58 7.41 -1.60
N ASN A 189 12.72 6.45 -1.27
CA ASN A 189 11.49 6.71 -0.52
C ASN A 189 10.40 7.41 -1.33
N THR A 190 10.55 7.40 -2.67
CA THR A 190 9.48 7.89 -3.54
C THR A 190 8.42 6.79 -3.63
N LEU A 191 7.13 7.18 -3.57
CA LEU A 191 6.04 6.23 -3.57
C LEU A 191 5.84 5.69 -5.00
N ILE A 192 6.10 4.38 -5.16
CA ILE A 192 5.96 3.73 -6.46
C ILE A 192 4.70 2.89 -6.58
N GLY A 193 4.04 2.53 -5.49
CA GLY A 193 2.87 1.70 -5.62
C GLY A 193 2.10 1.59 -4.33
N ALA A 194 0.96 0.89 -4.45
CA ALA A 194 0.17 0.47 -3.31
C ALA A 194 0.06 -1.05 -3.35
N VAL A 195 0.15 -1.67 -2.16
CA VAL A 195 -0.04 -3.11 -2.02
C VAL A 195 -1.40 -3.48 -2.61
N SER A 196 -1.42 -4.50 -3.49
CA SER A 196 -2.67 -4.83 -4.19
C SER A 196 -3.05 -6.29 -4.02
N TRP A 197 -2.31 -7.25 -4.58
CA TRP A 197 -2.77 -8.64 -4.53
C TRP A 197 -1.57 -9.57 -4.78
N GLY A 198 -1.84 -10.86 -4.60
CA GLY A 198 -0.88 -11.90 -4.94
C GLY A 198 -1.47 -13.24 -4.63
N ASN A 199 -0.74 -14.30 -4.96
CA ASN A 199 -1.12 -15.66 -4.65
C ASN A 199 -0.60 -16.02 -3.28
N GLY A 200 -1.47 -15.97 -2.26
CA GLY A 200 -0.98 -16.14 -0.92
C GLY A 200 -0.01 -15.04 -0.54
N CYS A 201 0.94 -15.32 0.39
N CYS A 201 0.79 -15.26 0.45
CA CYS A 201 1.86 -14.30 0.81
CA CYS A 201 1.70 -14.27 1.02
C CYS A 201 3.20 -15.00 0.96
C CYS A 201 3.11 -14.81 1.04
N ALA A 202 4.21 -14.37 0.38
CA ALA A 202 5.58 -14.78 0.55
C ALA A 202 5.83 -16.19 0.04
N ARG A 203 5.02 -16.66 -0.91
CA ARG A 203 5.24 -17.96 -1.50
C ARG A 203 6.40 -17.91 -2.50
N PRO A 204 7.15 -19.02 -2.61
CA PRO A 204 8.14 -19.09 -3.68
C PRO A 204 7.49 -18.88 -5.03
N ASN A 205 8.18 -18.08 -5.86
CA ASN A 205 7.80 -17.90 -7.27
C ASN A 205 6.38 -17.35 -7.50
N TYR A 206 5.90 -16.58 -6.54
CA TYR A 206 4.65 -15.81 -6.72
C TYR A 206 4.89 -14.42 -6.12
N SER A 207 5.23 -13.47 -6.98
CA SER A 207 5.55 -12.12 -6.56
C SER A 207 4.34 -11.46 -5.93
N GLY A 208 4.61 -10.48 -5.07
CA GLY A 208 3.56 -9.54 -4.74
C GLY A 208 3.29 -8.65 -5.95
N VAL A 209 2.01 -8.29 -6.11
CA VAL A 209 1.58 -7.46 -7.21
C VAL A 209 1.06 -6.13 -6.61
N TYR A 210 1.51 -5.04 -7.23
CA TYR A 210 1.31 -3.70 -6.72
C TYR A 210 0.65 -2.85 -7.78
N ALA A 211 -0.28 -1.97 -7.34
CA ALA A 211 -0.83 -0.97 -8.23
C ALA A 211 0.23 0.09 -8.46
N SER A 212 0.49 0.41 -9.73
CA SER A 212 1.63 1.26 -10.09
C SER A 212 1.28 2.75 -10.09
N VAL A 213 1.90 3.50 -9.18
CA VAL A 213 1.72 4.93 -9.13
C VAL A 213 2.18 5.59 -10.47
N GLY A 214 3.34 5.18 -10.99
CA GLY A 214 3.81 5.76 -12.24
C GLY A 214 2.82 5.59 -13.38
N ALA A 215 2.10 4.49 -13.40
CA ALA A 215 1.13 4.22 -14.46
C ALA A 215 -0.19 4.90 -14.21
N LEU A 216 -0.48 5.34 -13.00
CA LEU A 216 -1.79 5.79 -12.60
C LEU A 216 -1.79 7.27 -12.15
N ARG A 217 -0.76 8.03 -12.61
CA ARG A 217 -0.65 9.40 -12.19
C ARG A 217 -1.78 10.27 -12.71
N SER A 218 -2.37 9.97 -13.87
CA SER A 218 -3.43 10.90 -14.31
C SER A 218 -4.57 10.95 -13.30
N PHE A 219 -5.01 9.77 -12.87
CA PHE A 219 -6.08 9.69 -11.86
C PHE A 219 -5.67 10.37 -10.57
N ILE A 220 -4.46 10.03 -10.07
CA ILE A 220 -4.02 10.57 -8.79
C ILE A 220 -3.97 12.08 -8.87
N ASP A 221 -3.31 12.60 -9.94
CA ASP A 221 -3.10 14.02 -10.05
C ASP A 221 -4.43 14.78 -10.19
N THR A 222 -5.38 14.19 -10.90
CA THR A 222 -6.64 14.86 -11.15
C THR A 222 -7.42 15.04 -9.85
N TYR A 223 -7.42 14.02 -8.98
CA TYR A 223 -8.30 14.01 -7.85
C TYR A 223 -7.63 14.29 -6.52
N ALA A 224 -6.29 14.25 -6.43
CA ALA A 224 -5.64 14.58 -5.18
C ALA A 224 -5.91 16.03 -4.80
S SO4 B . 6.49 14.68 -9.74
O1 SO4 B . 6.54 13.51 -10.50
O2 SO4 B . 7.61 14.77 -8.77
O3 SO4 B . 5.35 14.79 -8.92
O4 SO4 B . 6.76 15.80 -10.56
S SO4 C . 16.17 -15.38 -4.96
O1 SO4 C . 15.41 -16.40 -4.32
O2 SO4 C . 16.75 -14.52 -3.97
O3 SO4 C . 15.34 -14.60 -5.89
O4 SO4 C . 17.27 -15.99 -5.70
N ARG D . -4.89 -8.30 -1.31
N ARG D . -5.40 -8.65 -2.13
CA ARG D . -4.02 -8.55 -0.11
CA ARG D . -5.17 -9.02 -0.66
C ARG D . -4.80 -8.15 1.13
C ARG D . -6.11 -8.63 0.49
O ARG D . -4.77 -7.21 1.91
O ARG D . -6.63 -8.14 1.57
CB ARG D . -2.61 -7.91 -0.10
CB ARG D . -3.71 -8.47 -0.46
CG ARG D . -1.50 -8.91 0.09
CG ARG D . -2.32 -9.11 -0.67
CD ARG D . -0.70 -9.04 -1.20
CD ARG D . -1.32 -8.23 -1.37
NE ARG D . -0.22 -10.24 -1.68
NE ARG D . -0.01 -8.27 -1.69
CZ ARG D . 1.17 -10.36 -1.75
CZ ARG D . 0.80 -9.27 -1.53
NH1 ARG D . 1.75 -9.22 -1.30
NH1 ARG D . 2.05 -9.36 -1.82
NH2 ARG D . 1.57 -11.53 -2.23
NH2 ARG D . 0.39 -10.38 -1.01
#